data_5AJU
#
_entry.id   5AJU
#
_cell.length_a   78.970
_cell.length_b   78.970
_cell.length_c   144.640
_cell.angle_alpha   90.00
_cell.angle_beta   90.00
_cell.angle_gamma   90.00
#
_symmetry.space_group_name_H-M   'I 41 2 2'
#
loop_
_entity.id
_entity.type
_entity.pdbx_description
1 polymer 'PHOSPHORIBOHYDROLASE LONELY GUY'
2 non-polymer 5-O-phosphono-beta-D-ribofuranose
3 non-polymer 'SULFATE ION'
4 water water
#
_entity_poly.entity_id   1
_entity_poly.type   'polypeptide(L)'
_entity_poly.pdbx_seq_one_letter_code
;MGSSHHHHHHSSGLVPRGSHMASMTGGQQMGRGSMSSNTPIAGPQGPVNGINTNANTPRAKICVFCGSSGGASPAHMEAA
RQLGRVMAENNIDLVYGGGTVGLMGEVARTVCSINGPESVHGIIPEALVRYERDGTYQTVKDNKQVVPTETVYGRTTVVK
DMHTRKKMMAEEVISGGPGSGFIGLSGGYGTMEEVFEVITWNQLGIHTKGICLLNVEGYWDGILQWINMAAAQGFVQPGN
ETIVVSAGDAEGAVRALREYKVSEATFKLEWGRQ
;
_entity_poly.pdbx_strand_id   A
#
# COMPACT_ATOMS: atom_id res chain seq x y z
N PRO A 58 -15.55 11.54 4.10
CA PRO A 58 -14.60 10.81 3.24
C PRO A 58 -13.91 9.71 4.04
N ARG A 59 -14.06 8.47 3.60
CA ARG A 59 -13.48 7.33 4.29
C ARG A 59 -11.95 7.31 4.16
N ALA A 60 -11.30 6.55 5.03
CA ALA A 60 -9.85 6.41 4.99
C ALA A 60 -9.43 5.30 4.03
N LYS A 61 -8.45 5.60 3.18
CA LYS A 61 -7.95 4.63 2.21
C LYS A 61 -6.46 4.35 2.39
N ILE A 62 -6.10 3.07 2.41
CA ILE A 62 -4.70 2.68 2.52
C ILE A 62 -4.25 1.88 1.30
N CYS A 63 -3.17 2.35 0.66
CA CYS A 63 -2.59 1.61 -0.45
C CYS A 63 -1.53 0.67 0.06
N VAL A 64 -1.72 -0.63 -0.16
CA VAL A 64 -0.78 -1.62 0.35
C VAL A 64 0.06 -2.22 -0.78
N PHE A 65 1.32 -1.79 -0.85
CA PHE A 65 2.27 -2.37 -1.79
C PHE A 65 2.85 -3.67 -1.22
N CYS A 66 2.66 -4.77 -1.93
CA CYS A 66 3.21 -6.06 -1.51
C CYS A 66 3.41 -6.99 -2.71
N GLY A 67 4.10 -8.09 -2.47
CA GLY A 67 4.52 -8.98 -3.54
C GLY A 67 3.41 -9.73 -4.24
N SER A 68 3.68 -10.13 -5.47
CA SER A 68 2.75 -10.94 -6.25
C SER A 68 2.93 -12.41 -5.90
N SER A 69 3.95 -12.69 -5.09
CA SER A 69 4.19 -14.05 -4.64
C SER A 69 3.94 -14.16 -3.13
N GLY A 70 3.64 -15.37 -2.65
CA GLY A 70 3.29 -15.57 -1.25
C GLY A 70 4.46 -15.47 -0.27
N GLY A 71 5.65 -15.82 -0.72
CA GLY A 71 6.81 -15.78 0.15
C GLY A 71 7.03 -17.13 0.80
N ALA A 72 8.28 -17.41 1.16
CA ALA A 72 8.64 -18.69 1.76
C ALA A 72 7.94 -18.90 3.11
N SER A 73 8.37 -18.13 4.11
CA SER A 73 7.76 -18.18 5.42
C SER A 73 6.29 -17.75 5.36
N PRO A 74 5.40 -18.53 6.00
CA PRO A 74 3.95 -18.28 6.00
C PRO A 74 3.56 -17.01 6.76
N ALA A 75 4.52 -16.47 7.50
CA ALA A 75 4.29 -15.26 8.29
C ALA A 75 3.93 -14.07 7.40
N HIS A 76 4.37 -14.10 6.15
CA HIS A 76 4.04 -13.05 5.19
C HIS A 76 2.57 -13.08 4.84
N MET A 77 2.09 -14.24 4.42
CA MET A 77 0.69 -14.44 4.07
C MET A 77 -0.20 -14.12 5.28
N GLU A 78 0.22 -14.64 6.44
CA GLU A 78 -0.51 -14.39 7.68
C GLU A 78 -0.58 -12.89 7.97
N ALA A 79 0.52 -12.20 7.69
CA ALA A 79 0.57 -10.75 7.89
C ALA A 79 -0.39 -10.05 6.94
N ALA A 80 -0.49 -10.55 5.72
CA ALA A 80 -1.44 -10.02 4.76
C ALA A 80 -2.85 -10.15 5.31
N ARG A 81 -3.18 -11.34 5.80
CA ARG A 81 -4.49 -11.59 6.39
C ARG A 81 -4.78 -10.65 7.56
N GLN A 82 -3.82 -10.53 8.47
CA GLN A 82 -4.00 -9.69 9.66
C GLN A 82 -4.20 -8.22 9.29
N LEU A 83 -3.35 -7.71 8.41
CA LEU A 83 -3.49 -6.34 7.92
C LEU A 83 -4.86 -6.14 7.30
N GLY A 84 -5.31 -7.15 6.55
CA GLY A 84 -6.64 -7.14 5.98
C GLY A 84 -7.71 -6.97 7.03
N ARG A 85 -7.68 -7.81 8.06
CA ARG A 85 -8.66 -7.76 9.15
C ARG A 85 -8.65 -6.40 9.86
N VAL A 86 -7.47 -5.94 10.22
CA VAL A 86 -7.33 -4.67 10.94
C VAL A 86 -7.86 -3.50 10.12
N MET A 87 -7.48 -3.45 8.84
CA MET A 87 -7.96 -2.41 7.94
C MET A 87 -9.48 -2.46 7.82
N ALA A 88 -10.02 -3.68 7.75
CA ALA A 88 -11.46 -3.86 7.59
C ALA A 88 -12.23 -3.42 8.81
N GLU A 89 -11.68 -3.67 10.00
CA GLU A 89 -12.36 -3.31 11.26
C GLU A 89 -12.43 -1.80 11.47
N ASN A 90 -11.36 -1.11 11.10
CA ASN A 90 -11.31 0.35 11.25
C ASN A 90 -12.01 1.08 10.12
N ASN A 91 -12.79 0.35 9.33
CA ASN A 91 -13.49 0.87 8.17
C ASN A 91 -12.54 1.58 7.20
N ILE A 92 -11.38 0.99 6.99
CA ILE A 92 -10.39 1.52 6.05
C ILE A 92 -10.50 0.83 4.71
N ASP A 93 -10.75 1.60 3.66
CA ASP A 93 -10.87 1.05 2.32
C ASP A 93 -9.49 0.75 1.75
N LEU A 94 -9.43 -0.31 0.95
CA LEU A 94 -8.16 -0.82 0.45
C LEU A 94 -7.87 -0.39 -0.98
N VAL A 95 -6.68 0.14 -1.19
CA VAL A 95 -6.17 0.37 -2.54
C VAL A 95 -4.97 -0.55 -2.76
N TYR A 96 -5.03 -1.35 -3.83
CA TYR A 96 -3.91 -2.23 -4.15
C TYR A 96 -3.83 -2.43 -5.66
N GLY A 97 -2.74 -3.04 -6.12
CA GLY A 97 -2.47 -3.13 -7.54
C GLY A 97 -3.22 -4.23 -8.27
N GLY A 98 -4.37 -4.63 -7.74
CA GLY A 98 -5.17 -5.64 -8.39
C GLY A 98 -4.55 -7.02 -8.40
N GLY A 99 -5.23 -7.98 -9.01
CA GLY A 99 -4.76 -9.35 -9.06
C GLY A 99 -5.31 -10.19 -7.93
N THR A 100 -5.13 -11.49 -8.03
CA THR A 100 -5.63 -12.42 -7.02
C THR A 100 -4.52 -13.28 -6.43
N VAL A 101 -3.29 -13.02 -6.86
CA VAL A 101 -2.15 -13.82 -6.47
C VAL A 101 -1.27 -13.11 -5.44
N GLY A 102 -0.73 -13.87 -4.49
CA GLY A 102 0.22 -13.35 -3.55
C GLY A 102 -0.36 -12.57 -2.39
N LEU A 103 0.49 -11.79 -1.73
CA LEU A 103 0.07 -11.00 -0.58
C LEU A 103 -1.01 -10.00 -0.96
N MET A 104 -0.88 -9.42 -2.15
CA MET A 104 -1.89 -8.50 -2.68
C MET A 104 -3.26 -9.15 -2.68
N GLY A 105 -3.34 -10.28 -3.39
CA GLY A 105 -4.58 -11.04 -3.47
C GLY A 105 -5.09 -11.47 -2.11
N GLU A 106 -4.18 -11.73 -1.18
CA GLU A 106 -4.58 -12.13 0.17
C GLU A 106 -5.25 -10.99 0.93
N VAL A 107 -4.58 -9.85 1.01
CA VAL A 107 -5.14 -8.66 1.66
C VAL A 107 -6.48 -8.29 1.04
N ALA A 108 -6.50 -8.23 -0.30
CA ALA A 108 -7.73 -7.96 -1.04
C ALA A 108 -8.84 -8.91 -0.63
N ARG A 109 -8.52 -10.20 -0.63
CA ARG A 109 -9.49 -11.25 -0.32
C ARG A 109 -10.08 -11.06 1.07
N THR A 110 -9.22 -10.79 2.05
CA THR A 110 -9.66 -10.63 3.43
C THR A 110 -10.52 -9.38 3.63
N VAL A 111 -9.98 -8.23 3.22
CA VAL A 111 -10.69 -6.96 3.37
C VAL A 111 -12.05 -7.02 2.68
N CYS A 112 -12.08 -7.53 1.45
CA CYS A 112 -13.33 -7.70 0.73
C CYS A 112 -14.27 -8.67 1.43
N SER A 113 -13.71 -9.74 1.98
CA SER A 113 -14.51 -10.74 2.67
C SER A 113 -15.19 -10.15 3.90
N ILE A 114 -14.55 -9.15 4.50
CA ILE A 114 -15.13 -8.55 5.70
C ILE A 114 -16.08 -7.39 5.39
N ASN A 115 -15.68 -6.48 4.51
CA ASN A 115 -16.48 -5.27 4.26
C ASN A 115 -17.06 -5.16 2.84
N GLY A 116 -17.08 -6.25 2.09
CA GLY A 116 -17.68 -6.23 0.77
C GLY A 116 -16.81 -5.60 -0.31
N PRO A 117 -17.23 -5.77 -1.58
CA PRO A 117 -16.49 -5.33 -2.78
C PRO A 117 -16.20 -3.82 -2.80
N GLU A 118 -17.07 -3.03 -2.18
CA GLU A 118 -16.94 -1.58 -2.22
C GLU A 118 -15.74 -1.08 -1.41
N SER A 119 -15.24 -1.94 -0.51
CA SER A 119 -14.14 -1.58 0.37
CA SER A 119 -14.14 -1.57 0.36
C SER A 119 -12.78 -1.82 -0.29
N VAL A 120 -12.77 -2.57 -1.38
CA VAL A 120 -11.52 -2.87 -2.06
C VAL A 120 -11.51 -2.35 -3.50
N HIS A 121 -10.46 -1.60 -3.84
CA HIS A 121 -10.29 -1.13 -5.20
C HIS A 121 -8.93 -1.51 -5.75
N GLY A 122 -8.90 -2.53 -6.61
CA GLY A 122 -7.69 -2.93 -7.28
C GLY A 122 -7.55 -2.20 -8.61
N ILE A 123 -6.32 -1.85 -8.98
CA ILE A 123 -6.08 -1.15 -10.22
C ILE A 123 -5.06 -1.92 -11.06
N ILE A 124 -5.52 -2.44 -12.20
CA ILE A 124 -4.71 -3.35 -13.00
C ILE A 124 -4.37 -2.75 -14.36
N PRO A 125 -3.11 -2.91 -14.80
CA PRO A 125 -2.74 -2.48 -16.15
C PRO A 125 -3.36 -3.38 -17.20
N GLU A 126 -3.58 -2.85 -18.40
CA GLU A 126 -4.21 -3.60 -19.48
C GLU A 126 -3.50 -4.91 -19.77
N ALA A 127 -2.19 -4.94 -19.56
CA ALA A 127 -1.38 -6.09 -19.92
C ALA A 127 -1.62 -7.30 -19.02
N LEU A 128 -2.12 -7.05 -17.82
CA LEU A 128 -2.36 -8.14 -16.87
C LEU A 128 -3.82 -8.56 -16.86
N VAL A 129 -4.57 -8.04 -17.83
CA VAL A 129 -6.00 -8.33 -17.95
C VAL A 129 -6.24 -9.64 -18.71
N ARG A 130 -7.19 -10.44 -18.23
CA ARG A 130 -7.62 -11.65 -18.91
C ARG A 130 -8.78 -11.37 -19.86
N TYR A 131 -8.98 -12.24 -20.84
CA TYR A 131 -10.10 -12.09 -21.77
C TYR A 131 -10.94 -13.37 -21.80
N GLU A 132 -10.72 -14.22 -20.81
CA GLU A 132 -11.52 -15.44 -20.63
C GLU A 132 -11.84 -15.65 -19.15
N ARG A 133 -12.97 -16.27 -18.87
CA ARG A 133 -13.39 -16.51 -17.48
C ARG A 133 -12.80 -17.79 -16.91
N ASP A 134 -12.05 -17.66 -15.82
CA ASP A 134 -11.47 -18.82 -15.14
C ASP A 134 -11.15 -18.54 -13.68
N GLY A 135 -11.44 -19.52 -12.83
CA GLY A 135 -11.07 -19.48 -11.43
C GLY A 135 -11.46 -18.24 -10.64
N THR A 136 -10.45 -17.43 -10.33
CA THR A 136 -10.65 -16.23 -9.52
C THR A 136 -11.05 -15.02 -10.37
N TYR A 137 -10.93 -15.17 -11.69
CA TYR A 137 -11.32 -14.11 -12.62
C TYR A 137 -12.67 -14.44 -13.27
N GLN A 138 -13.76 -14.07 -12.60
CA GLN A 138 -15.09 -14.46 -13.05
C GLN A 138 -15.97 -13.30 -13.49
N THR A 139 -15.55 -12.07 -13.21
CA THR A 139 -16.35 -10.90 -13.55
C THR A 139 -15.84 -10.23 -14.83
N VAL A 140 -16.75 -10.05 -15.78
CA VAL A 140 -16.41 -9.48 -17.09
C VAL A 140 -16.80 -8.01 -17.18
N LYS A 141 -15.92 -7.21 -17.79
CA LYS A 141 -16.23 -5.81 -18.07
C LYS A 141 -16.97 -5.67 -19.40
N ASP A 142 -17.55 -4.49 -19.64
CA ASP A 142 -18.32 -4.26 -20.85
C ASP A 142 -17.44 -4.32 -22.11
N ASN A 143 -16.15 -4.04 -21.94
CA ASN A 143 -15.20 -4.16 -23.05
C ASN A 143 -14.63 -5.57 -23.15
N LYS A 144 -15.34 -6.53 -22.56
CA LYS A 144 -15.01 -7.95 -22.60
C LYS A 144 -13.72 -8.31 -21.87
N GLN A 145 -13.13 -7.34 -21.17
CA GLN A 145 -12.00 -7.62 -20.30
C GLN A 145 -12.44 -8.47 -19.13
N VAL A 146 -11.69 -9.52 -18.82
CA VAL A 146 -12.01 -10.35 -17.65
C VAL A 146 -11.11 -9.95 -16.46
N VAL A 147 -11.75 -9.76 -15.31
CA VAL A 147 -11.12 -9.11 -14.18
C VAL A 147 -11.37 -9.95 -12.91
N PRO A 148 -10.56 -9.77 -11.86
CA PRO A 148 -10.79 -10.52 -10.61
C PRO A 148 -12.23 -10.45 -10.11
N THR A 149 -12.75 -11.58 -9.66
CA THR A 149 -14.13 -11.69 -9.19
C THR A 149 -14.41 -10.62 -8.16
N GLU A 150 -15.31 -9.71 -8.49
CA GLU A 150 -15.53 -8.50 -7.71
C GLU A 150 -16.04 -8.80 -6.31
N THR A 151 -16.78 -9.89 -6.16
CA THR A 151 -17.34 -10.25 -4.86
C THR A 151 -16.30 -10.84 -3.92
N VAL A 152 -15.14 -11.19 -4.46
CA VAL A 152 -14.10 -11.84 -3.66
C VAL A 152 -12.86 -10.95 -3.52
N TYR A 153 -12.61 -10.11 -4.52
CA TYR A 153 -11.42 -9.27 -4.53
C TYR A 153 -11.73 -7.79 -4.72
N GLY A 154 -13.00 -7.42 -4.61
CA GLY A 154 -13.41 -6.03 -4.72
C GLY A 154 -13.44 -5.53 -6.15
N ARG A 155 -13.76 -4.24 -6.32
CA ARG A 155 -13.83 -3.62 -7.63
CA ARG A 155 -13.83 -3.63 -7.64
C ARG A 155 -12.45 -3.58 -8.27
N THR A 156 -12.42 -3.54 -9.60
CA THR A 156 -11.16 -3.46 -10.32
C THR A 156 -11.24 -2.49 -11.48
N THR A 157 -10.38 -1.48 -11.46
CA THR A 157 -10.28 -0.53 -12.56
C THR A 157 -9.07 -0.87 -13.42
N VAL A 158 -9.31 -1.03 -14.72
CA VAL A 158 -8.24 -1.29 -15.67
C VAL A 158 -7.73 0.01 -16.26
N VAL A 159 -6.41 0.18 -16.28
CA VAL A 159 -5.82 1.38 -16.87
C VAL A 159 -4.83 0.99 -17.95
N LYS A 160 -4.56 1.92 -18.87
CA LYS A 160 -3.69 1.66 -20.00
C LYS A 160 -2.26 1.37 -19.57
N ASP A 161 -1.71 2.25 -18.73
CA ASP A 161 -0.28 2.21 -18.44
C ASP A 161 0.06 2.12 -16.96
N MET A 162 1.26 1.63 -16.67
CA MET A 162 1.77 1.49 -15.32
C MET A 162 1.89 2.85 -14.64
N HIS A 163 2.31 3.85 -15.42
CA HIS A 163 2.49 5.20 -14.91
C HIS A 163 1.17 5.77 -14.38
N THR A 164 0.15 5.76 -15.23
CA THR A 164 -1.18 6.23 -14.86
C THR A 164 -1.76 5.37 -13.74
N ARG A 165 -1.34 4.11 -13.66
CA ARG A 165 -1.76 3.22 -12.58
C ARG A 165 -1.26 3.71 -11.23
N LYS A 166 0.06 3.83 -11.12
CA LYS A 166 0.69 4.34 -9.91
C LYS A 166 0.13 5.70 -9.55
N LYS A 167 -0.01 6.55 -10.56
CA LYS A 167 -0.60 7.88 -10.38
C LYS A 167 -2.00 7.81 -9.80
N MET A 168 -2.77 6.82 -10.25
CA MET A 168 -4.17 6.70 -9.86
C MET A 168 -4.31 6.19 -8.43
N MET A 169 -3.53 5.16 -8.09
CA MET A 169 -3.50 4.65 -6.72
C MET A 169 -3.10 5.78 -5.78
N ALA A 170 -2.02 6.48 -6.16
CA ALA A 170 -1.55 7.64 -5.42
C ALA A 170 -2.68 8.64 -5.19
N GLU A 171 -3.35 9.02 -6.27
CA GLU A 171 -4.49 9.94 -6.20
C GLU A 171 -5.54 9.49 -5.21
N GLU A 172 -5.88 8.20 -5.29
CA GLU A 172 -6.96 7.66 -4.46
C GLU A 172 -6.56 7.68 -2.99
N VAL A 173 -5.27 7.54 -2.71
CA VAL A 173 -4.79 7.62 -1.33
C VAL A 173 -4.78 9.06 -0.82
N ILE A 174 -4.22 9.96 -1.63
CA ILE A 174 -4.08 11.37 -1.27
C ILE A 174 -5.42 12.03 -0.97
N SER A 175 -6.43 11.70 -1.79
CA SER A 175 -7.76 12.29 -1.63
C SER A 175 -8.55 11.59 -0.51
N GLY A 176 -7.98 10.51 0.02
CA GLY A 176 -8.63 9.77 1.08
C GLY A 176 -8.73 10.57 2.37
N GLY A 177 -9.51 10.07 3.33
CA GLY A 177 -9.72 10.74 4.59
C GLY A 177 -8.50 10.72 5.49
N PRO A 178 -8.70 11.03 6.78
CA PRO A 178 -7.59 11.00 7.75
C PRO A 178 -7.13 9.59 8.03
N GLY A 179 -5.82 9.41 8.23
CA GLY A 179 -5.26 8.09 8.44
C GLY A 179 -4.87 7.44 7.14
N SER A 180 -5.15 8.11 6.03
CA SER A 180 -4.77 7.62 4.72
C SER A 180 -3.25 7.63 4.56
N GLY A 181 -2.74 6.67 3.81
CA GLY A 181 -1.30 6.55 3.61
C GLY A 181 -0.93 5.27 2.90
N PHE A 182 0.36 4.99 2.84
CA PHE A 182 0.87 3.83 2.14
C PHE A 182 1.53 2.84 3.11
N ILE A 183 1.26 1.55 2.90
CA ILE A 183 1.88 0.50 3.69
C ILE A 183 2.68 -0.44 2.80
N GLY A 184 3.94 -0.65 3.15
CA GLY A 184 4.80 -1.54 2.37
C GLY A 184 4.99 -2.89 3.03
N LEU A 185 4.15 -3.85 2.65
CA LEU A 185 4.30 -5.22 3.10
C LEU A 185 5.36 -5.92 2.26
N SER A 186 5.70 -7.14 2.65
CA SER A 186 6.78 -7.90 2.00
C SER A 186 6.59 -8.03 0.50
N GLY A 187 7.64 -7.71 -0.26
CA GLY A 187 7.61 -7.82 -1.70
C GLY A 187 8.99 -7.69 -2.32
N GLY A 188 9.04 -7.74 -3.65
CA GLY A 188 10.31 -7.67 -4.36
C GLY A 188 10.66 -6.29 -4.89
N TYR A 189 11.19 -6.26 -6.10
CA TYR A 189 11.66 -5.01 -6.71
C TYR A 189 10.53 -4.02 -6.99
N GLY A 190 9.36 -4.53 -7.35
CA GLY A 190 8.22 -3.68 -7.66
C GLY A 190 7.72 -2.90 -6.46
N THR A 191 7.45 -3.61 -5.38
CA THR A 191 6.94 -2.98 -4.16
C THR A 191 7.94 -1.99 -3.60
N MET A 192 9.22 -2.34 -3.70
CA MET A 192 10.28 -1.45 -3.27
C MET A 192 10.28 -0.18 -4.10
N GLU A 193 10.22 -0.34 -5.42
CA GLU A 193 10.21 0.78 -6.33
C GLU A 193 9.04 1.71 -6.02
N GLU A 194 7.89 1.11 -5.75
CA GLU A 194 6.69 1.89 -5.42
C GLU A 194 6.88 2.65 -4.10
N VAL A 195 7.40 1.96 -3.10
CA VAL A 195 7.67 2.55 -1.81
C VAL A 195 8.58 3.76 -1.95
N PHE A 196 9.75 3.58 -2.57
CA PHE A 196 10.68 4.69 -2.74
C PHE A 196 10.12 5.77 -3.66
N GLU A 197 9.16 5.39 -4.51
CA GLU A 197 8.53 6.35 -5.40
C GLU A 197 7.64 7.30 -4.61
N VAL A 198 6.73 6.75 -3.80
CA VAL A 198 5.87 7.59 -2.98
C VAL A 198 6.68 8.31 -1.91
N ILE A 199 7.82 7.74 -1.53
CA ILE A 199 8.78 8.45 -0.68
C ILE A 199 9.28 9.71 -1.36
N THR A 200 9.77 9.55 -2.60
CA THR A 200 10.23 10.67 -3.40
C THR A 200 9.14 11.73 -3.58
N TRP A 201 7.91 11.26 -3.77
CA TRP A 201 6.77 12.16 -3.94
C TRP A 201 6.46 12.94 -2.65
N ASN A 202 6.56 12.27 -1.50
CA ASN A 202 6.40 12.96 -0.22
C ASN A 202 7.51 13.99 -0.04
N GLN A 203 8.70 13.61 -0.49
CA GLN A 203 9.89 14.46 -0.40
C GLN A 203 9.74 15.69 -1.30
N LEU A 204 9.03 15.53 -2.40
CA LEU A 204 8.82 16.63 -3.33
C LEU A 204 7.59 17.45 -2.96
N GLY A 205 6.99 17.15 -1.82
CA GLY A 205 5.82 17.87 -1.34
C GLY A 205 4.61 17.69 -2.22
N ILE A 206 4.53 16.54 -2.90
CA ILE A 206 3.42 16.23 -3.77
C ILE A 206 2.25 15.67 -2.97
N HIS A 207 2.55 15.07 -1.82
CA HIS A 207 1.50 14.61 -0.91
C HIS A 207 1.95 14.72 0.55
N THR A 208 0.98 14.58 1.46
CA THR A 208 1.25 14.73 2.89
C THR A 208 0.95 13.46 3.68
N LYS A 209 0.86 12.34 2.98
CA LYS A 209 0.50 11.08 3.62
C LYS A 209 1.73 10.29 4.08
N GLY A 210 1.55 9.50 5.13
CA GLY A 210 2.64 8.74 5.71
C GLY A 210 2.94 7.44 5.01
N ILE A 211 4.17 6.97 5.17
CA ILE A 211 4.60 5.70 4.58
C ILE A 211 5.19 4.78 5.64
N CYS A 212 4.58 3.60 5.78
CA CYS A 212 4.98 2.67 6.81
C CYS A 212 5.28 1.29 6.26
N LEU A 213 6.47 0.78 6.57
CA LEU A 213 6.86 -0.58 6.22
C LEU A 213 6.39 -1.56 7.28
N LEU A 214 5.64 -2.57 6.86
CA LEU A 214 5.22 -3.63 7.76
C LEU A 214 6.28 -4.73 7.77
N ASN A 215 7.07 -4.76 8.84
CA ASN A 215 8.24 -5.62 8.91
C ASN A 215 7.94 -7.01 9.48
N VAL A 216 7.80 -7.98 8.58
CA VAL A 216 7.55 -9.36 8.99
C VAL A 216 8.86 -10.11 9.17
N GLU A 217 9.18 -10.42 10.43
CA GLU A 217 10.40 -11.16 10.78
C GLU A 217 11.66 -10.52 10.21
N GLY A 218 11.77 -9.20 10.35
CA GLY A 218 12.95 -8.48 9.92
C GLY A 218 13.20 -8.51 8.42
N TYR A 219 12.13 -8.55 7.63
CA TYR A 219 12.26 -8.59 6.18
C TYR A 219 12.77 -7.25 5.63
N TRP A 220 12.33 -6.15 6.24
CA TRP A 220 12.71 -4.82 5.79
C TRP A 220 13.95 -4.28 6.50
N ASP A 221 14.59 -5.13 7.30
CA ASP A 221 15.72 -4.71 8.13
C ASP A 221 16.83 -4.04 7.34
N GLY A 222 17.17 -4.63 6.20
CA GLY A 222 18.22 -4.09 5.35
C GLY A 222 17.91 -2.68 4.89
N ILE A 223 16.64 -2.43 4.58
CA ILE A 223 16.20 -1.14 4.07
C ILE A 223 16.23 -0.07 5.15
N LEU A 224 15.72 -0.41 6.34
CA LEU A 224 15.79 0.48 7.48
C LEU A 224 17.25 0.81 7.79
N GLN A 225 18.10 -0.21 7.72
CA GLN A 225 19.52 -0.06 7.95
C GLN A 225 20.13 0.94 6.97
N TRP A 226 19.80 0.77 5.68
CA TRP A 226 20.31 1.69 4.67
C TRP A 226 19.80 3.10 4.91
N ILE A 227 18.55 3.23 5.33
CA ILE A 227 17.98 4.55 5.61
C ILE A 227 18.79 5.22 6.73
N ASN A 228 19.10 4.45 7.77
CA ASN A 228 19.97 4.91 8.84
C ASN A 228 21.32 5.39 8.30
N MET A 229 21.94 4.57 7.46
CA MET A 229 23.24 4.90 6.88
C MET A 229 23.19 6.17 6.02
N ALA A 230 22.09 6.36 5.32
CA ALA A 230 21.91 7.49 4.41
C ALA A 230 21.68 8.77 5.18
N ALA A 231 20.89 8.67 6.25
CA ALA A 231 20.67 9.82 7.11
C ALA A 231 21.96 10.19 7.83
N ALA A 232 22.75 9.18 8.17
CA ALA A 232 24.05 9.39 8.82
C ALA A 232 25.02 10.10 7.88
N GLN A 233 25.08 9.63 6.64
CA GLN A 233 25.96 10.24 5.66
C GLN A 233 25.34 11.50 5.07
N GLY A 234 24.12 11.82 5.48
CA GLY A 234 23.51 13.09 5.08
C GLY A 234 22.82 13.09 3.74
N PHE A 235 22.84 11.95 3.05
CA PHE A 235 22.16 11.84 1.76
C PHE A 235 20.65 11.94 1.91
N VAL A 236 20.12 11.39 3.00
CA VAL A 236 18.75 11.67 3.41
C VAL A 236 18.80 12.83 4.39
N GLN A 237 18.37 14.00 3.93
CA GLN A 237 18.47 15.23 4.69
C GLN A 237 17.72 15.11 6.01
N PRO A 238 18.17 15.84 7.05
CA PRO A 238 17.51 15.82 8.35
C PRO A 238 16.05 16.24 8.26
N GLY A 239 15.16 15.44 8.84
CA GLY A 239 13.74 15.68 8.74
C GLY A 239 13.07 14.72 7.79
N ASN A 240 13.85 14.19 6.84
CA ASN A 240 13.33 13.24 5.87
C ASN A 240 13.41 11.80 6.35
N GLU A 241 14.18 11.57 7.41
CA GLU A 241 14.34 10.23 7.97
C GLU A 241 13.02 9.70 8.53
N THR A 242 12.09 10.60 8.83
CA THR A 242 10.83 10.23 9.44
C THR A 242 9.71 10.10 8.41
N ILE A 243 10.05 10.29 7.14
CA ILE A 243 9.09 10.09 6.06
C ILE A 243 8.59 8.66 6.09
N VAL A 244 9.52 7.73 6.34
CA VAL A 244 9.17 6.33 6.44
C VAL A 244 9.30 5.84 7.88
N VAL A 245 8.25 5.18 8.37
CA VAL A 245 8.35 4.51 9.66
C VAL A 245 8.17 3.00 9.45
N SER A 246 8.34 2.22 10.51
CA SER A 246 8.18 0.77 10.40
C SER A 246 7.29 0.24 11.51
N ALA A 247 6.79 -0.98 11.34
CA ALA A 247 5.97 -1.61 12.37
C ALA A 247 6.08 -3.13 12.30
N GLY A 248 5.86 -3.78 13.43
CA GLY A 248 5.96 -5.22 13.52
C GLY A 248 4.64 -5.93 13.33
N ASP A 249 3.55 -5.16 13.41
CA ASP A 249 2.21 -5.74 13.25
C ASP A 249 1.27 -4.78 12.52
N ALA A 250 0.13 -5.31 12.10
CA ALA A 250 -0.86 -4.55 11.34
C ALA A 250 -1.35 -3.32 12.09
N GLU A 251 -1.76 -3.53 13.34
CA GLU A 251 -2.22 -2.44 14.19
C GLU A 251 -1.18 -1.34 14.30
N GLY A 252 0.08 -1.74 14.42
CA GLY A 252 1.18 -0.79 14.50
C GLY A 252 1.31 0.04 13.23
N ALA A 253 1.10 -0.60 12.08
CA ALA A 253 1.20 0.08 10.80
C ALA A 253 0.06 1.07 10.61
N VAL A 254 -1.17 0.62 10.90
CA VAL A 254 -2.34 1.47 10.77
C VAL A 254 -2.25 2.67 11.72
N ARG A 255 -1.86 2.41 12.96
CA ARG A 255 -1.63 3.48 13.94
C ARG A 255 -0.56 4.44 13.45
N ALA A 256 0.46 3.89 12.81
CA ALA A 256 1.56 4.70 12.28
C ALA A 256 1.05 5.64 11.20
N LEU A 257 0.21 5.13 10.31
CA LEU A 257 -0.37 5.96 9.25
C LEU A 257 -1.33 6.99 9.82
N ARG A 258 -2.01 6.64 10.91
CA ARG A 258 -2.97 7.55 11.53
C ARG A 258 -2.26 8.73 12.20
N GLU A 259 -1.22 8.42 12.96
CA GLU A 259 -0.55 9.42 13.79
C GLU A 259 0.55 10.16 13.03
N TYR A 260 0.69 9.88 11.74
CA TYR A 260 1.72 10.54 10.95
C TYR A 260 1.35 11.98 10.61
N LYS A 261 2.34 12.87 10.75
CA LYS A 261 2.22 14.25 10.30
C LYS A 261 3.53 14.62 9.61
N VAL A 262 3.45 15.08 8.36
CA VAL A 262 4.64 15.42 7.58
C VAL A 262 5.50 16.44 8.29
N SER A 263 4.87 17.50 8.77
CA SER A 263 5.57 18.63 9.34
C SER A 263 6.11 18.36 10.74
N GLU A 264 6.01 17.11 11.20
CA GLU A 264 6.48 16.73 12.53
C GLU A 264 7.99 16.91 12.68
N ALA A 265 8.74 16.30 11.78
CA ALA A 265 10.21 16.33 11.85
C ALA A 265 10.75 17.73 11.63
N THR A 266 10.21 18.44 10.65
CA THR A 266 10.62 19.81 10.37
C THR A 266 10.29 20.70 11.58
N PHE A 267 9.16 20.41 12.22
CA PHE A 267 8.77 21.10 13.44
C PHE A 267 9.84 20.87 14.51
N LYS A 268 10.23 19.62 14.71
CA LYS A 268 11.25 19.30 15.70
C LYS A 268 12.59 19.98 15.43
N LEU A 269 13.01 19.97 14.17
CA LEU A 269 14.34 20.45 13.79
C LEU A 269 14.43 21.97 13.72
N GLU A 270 13.33 22.64 13.41
CA GLU A 270 13.36 24.09 13.22
C GLU A 270 12.28 24.86 13.98
N TRP A 271 11.99 24.47 15.21
CA TRP A 271 11.07 25.25 16.04
C TRP A 271 11.84 25.94 17.16
N GLY A 272 12.87 25.28 17.66
CA GLY A 272 13.83 25.94 18.52
C GLY A 272 14.71 26.79 17.64
N ARG A 273 14.61 26.58 16.33
CA ARG A 273 15.33 27.35 15.35
C ARG A 273 14.44 28.39 14.68
N GLN A 274 13.25 28.57 15.24
CA GLN A 274 12.31 29.56 14.73
C GLN A 274 11.95 30.56 15.82
#